data_1KQ2
#
_entry.id   1KQ2
#
_cell.length_a   80.870
_cell.length_b   115.600
_cell.length_c   101.840
_cell.angle_alpha   90.00
_cell.angle_beta   90.00
_cell.angle_gamma   90.00
#
_symmetry.space_group_name_H-M   'C 2 2 21'
#
loop_
_entity.id
_entity.type
_entity.pdbx_description
1 polymer "5'-R(*AP*UP*UP*UP*UP*UP*G)-3'"
2 polymer 'Host factor for Q beta'
3 water water
#
loop_
_entity_poly.entity_id
_entity_poly.type
_entity_poly.pdbx_seq_one_letter_code
_entity_poly.pdbx_strand_id
1 'polyribonucleotide' AUUUUUG R
2 'polypeptide(L)' MIANENIQDKALENFKANQTEVTVFFLNGFQMKGVIEEYDKYVVSLNSQGKQHLIYKHAISTYTVETEGQASTESEE A,B,H,I,K,M
#
# COMPACT_ATOMS: atom_id res chain seq x y z
N ASN B 6 -9.88 2.21 -20.99
CA ASN B 6 -10.12 1.50 -19.70
C ASN B 6 -10.25 -0.01 -19.88
N ILE B 7 -9.12 -0.71 -19.74
CA ILE B 7 -9.09 -2.15 -19.91
C ILE B 7 -9.51 -2.97 -18.69
N GLN B 8 -9.39 -2.41 -17.50
CA GLN B 8 -9.78 -3.17 -16.31
C GLN B 8 -11.24 -3.60 -16.33
N ASP B 9 -12.14 -2.71 -16.78
CA ASP B 9 -13.56 -3.04 -16.84
C ASP B 9 -13.90 -3.95 -18.00
N LYS B 10 -13.35 -3.67 -19.18
CA LYS B 10 -13.59 -4.52 -20.33
C LYS B 10 -13.24 -5.97 -19.93
N ALA B 11 -12.19 -6.12 -19.12
CA ALA B 11 -11.78 -7.44 -18.67
C ALA B 11 -12.74 -8.02 -17.63
N LEU B 12 -13.14 -7.19 -16.68
CA LEU B 12 -14.05 -7.66 -15.63
C LEU B 12 -15.47 -7.89 -16.12
N GLU B 13 -15.78 -7.43 -17.33
CA GLU B 13 -17.12 -7.63 -17.85
C GLU B 13 -17.20 -8.99 -18.55
N ASN B 14 -16.25 -9.27 -19.42
CA ASN B 14 -16.25 -10.54 -20.14
C ASN B 14 -16.06 -11.73 -19.23
N PHE B 15 -15.45 -11.50 -18.07
CA PHE B 15 -15.27 -12.58 -17.11
C PHE B 15 -16.61 -12.85 -16.47
N LYS B 16 -17.32 -11.78 -16.10
CA LYS B 16 -18.63 -11.90 -15.48
C LYS B 16 -19.70 -12.40 -16.46
N ALA B 17 -19.83 -11.70 -17.59
CA ALA B 17 -20.81 -12.02 -18.61
C ALA B 17 -20.79 -13.48 -19.09
N ASN B 18 -19.59 -14.04 -19.27
CA ASN B 18 -19.48 -15.41 -19.73
C ASN B 18 -19.25 -16.39 -18.58
N GLN B 19 -19.39 -15.91 -17.35
CA GLN B 19 -19.18 -16.72 -16.15
C GLN B 19 -17.85 -17.46 -16.25
N THR B 20 -16.83 -16.76 -16.73
CA THR B 20 -15.51 -17.32 -16.90
C THR B 20 -14.86 -17.70 -15.58
N GLU B 21 -14.14 -18.82 -15.57
CA GLU B 21 -13.47 -19.28 -14.37
C GLU B 21 -12.07 -18.66 -14.34
N VAL B 22 -11.91 -17.65 -13.48
CA VAL B 22 -10.63 -16.97 -13.37
C VAL B 22 -9.85 -17.33 -12.10
N THR B 23 -8.52 -17.24 -12.19
CA THR B 23 -7.68 -17.49 -11.03
C THR B 23 -7.21 -16.14 -10.49
N VAL B 24 -7.48 -15.90 -9.21
CA VAL B 24 -7.11 -14.66 -8.54
C VAL B 24 -5.89 -14.87 -7.64
N PHE B 25 -4.81 -14.16 -7.93
CA PHE B 25 -3.61 -14.27 -7.11
C PHE B 25 -3.55 -13.08 -6.17
N PHE B 26 -3.29 -13.33 -4.90
CA PHE B 26 -3.20 -12.24 -3.93
C PHE B 26 -1.78 -11.75 -3.78
N LEU B 27 -1.62 -10.57 -3.21
CA LEU B 27 -0.30 -10.00 -3.00
C LEU B 27 0.60 -10.95 -2.22
N ASN B 28 0.02 -11.74 -1.32
CA ASN B 28 0.82 -12.66 -0.54
C ASN B 28 1.10 -13.95 -1.28
N GLY B 29 0.72 -13.99 -2.57
CA GLY B 29 0.97 -15.18 -3.37
C GLY B 29 -0.12 -16.24 -3.35
N PHE B 30 -0.96 -16.23 -2.32
CA PHE B 30 -2.05 -17.19 -2.22
C PHE B 30 -2.98 -17.03 -3.42
N GLN B 31 -3.52 -18.13 -3.93
CA GLN B 31 -4.42 -18.03 -5.08
C GLN B 31 -5.77 -18.68 -4.85
N MET B 32 -6.79 -18.08 -5.46
CA MET B 32 -8.17 -18.54 -5.34
C MET B 32 -8.72 -18.74 -6.75
N LYS B 33 -9.80 -19.51 -6.87
CA LYS B 33 -10.41 -19.81 -8.16
C LYS B 33 -11.93 -19.66 -8.05
N GLY B 34 -12.54 -19.00 -9.02
CA GLY B 34 -13.98 -18.82 -8.98
C GLY B 34 -14.50 -17.97 -10.12
N VAL B 35 -15.78 -17.62 -10.02
CA VAL B 35 -16.42 -16.80 -11.04
C VAL B 35 -16.82 -15.44 -10.49
N ILE B 36 -16.47 -14.40 -11.22
CA ILE B 36 -16.78 -13.04 -10.80
C ILE B 36 -18.26 -12.77 -11.05
N GLU B 37 -18.97 -12.41 -10.00
CA GLU B 37 -20.40 -12.14 -10.06
C GLU B 37 -20.69 -10.66 -10.18
N GLU B 38 -19.95 -9.86 -9.42
CA GLU B 38 -20.11 -8.42 -9.43
C GLU B 38 -18.77 -7.77 -9.15
N TYR B 39 -18.75 -6.44 -9.24
CA TYR B 39 -17.53 -5.70 -8.98
C TYR B 39 -17.81 -4.22 -9.12
N ASP B 40 -17.13 -3.42 -8.31
CA ASP B 40 -17.29 -1.98 -8.38
C ASP B 40 -15.91 -1.38 -8.51
N LYS B 41 -15.71 -0.19 -7.96
CA LYS B 41 -14.43 0.46 -8.06
C LYS B 41 -13.37 -0.23 -7.22
N TYR B 42 -13.74 -0.57 -5.99
CA TYR B 42 -12.79 -1.17 -5.06
C TYR B 42 -12.78 -2.69 -4.92
N VAL B 43 -13.95 -3.29 -4.74
CA VAL B 43 -14.03 -4.73 -4.56
C VAL B 43 -14.51 -5.55 -5.77
N VAL B 44 -14.51 -6.86 -5.62
CA VAL B 44 -14.99 -7.79 -6.63
C VAL B 44 -15.59 -9.00 -5.91
N SER B 45 -16.82 -9.34 -6.25
CA SER B 45 -17.48 -10.48 -5.62
C SER B 45 -17.16 -11.73 -6.43
N LEU B 46 -16.50 -12.69 -5.80
CA LEU B 46 -16.12 -13.93 -6.47
C LEU B 46 -16.80 -15.14 -5.83
N ASN B 47 -17.34 -16.01 -6.65
CA ASN B 47 -17.97 -17.22 -6.15
C ASN B 47 -16.97 -18.32 -6.41
N SER B 48 -16.55 -18.99 -5.34
CA SER B 48 -15.58 -20.07 -5.45
C SER B 48 -16.09 -21.33 -4.80
N GLN B 49 -16.29 -22.36 -5.63
CA GLN B 49 -16.76 -23.65 -5.14
C GLN B 49 -18.23 -23.57 -4.73
N GLY B 50 -18.57 -22.57 -3.92
CA GLY B 50 -19.95 -22.44 -3.49
C GLY B 50 -20.13 -21.33 -2.48
N LYS B 51 -19.05 -20.69 -2.09
CA LYS B 51 -19.11 -19.60 -1.12
C LYS B 51 -18.65 -18.29 -1.75
N GLN B 52 -19.34 -17.20 -1.43
CA GLN B 52 -19.03 -15.87 -1.95
C GLN B 52 -17.95 -15.14 -1.16
N HIS B 53 -17.00 -14.55 -1.88
CA HIS B 53 -15.90 -13.81 -1.27
C HIS B 53 -15.87 -12.38 -1.79
N LEU B 54 -16.02 -11.40 -0.91
CA LEU B 54 -15.95 -10.00 -1.32
C LEU B 54 -14.48 -9.62 -1.14
N ILE B 55 -13.83 -9.27 -2.25
CA ILE B 55 -12.41 -8.96 -2.26
C ILE B 55 -12.03 -7.53 -2.66
N TYR B 56 -11.16 -6.92 -1.86
CA TYR B 56 -10.68 -5.58 -2.16
C TYR B 56 -9.60 -5.70 -3.23
N LYS B 57 -9.71 -4.88 -4.27
CA LYS B 57 -8.74 -4.90 -5.35
C LYS B 57 -7.32 -4.71 -4.82
N HIS B 58 -7.16 -3.88 -3.79
CA HIS B 58 -5.83 -3.63 -3.23
C HIS B 58 -5.16 -4.90 -2.71
N ALA B 59 -5.95 -5.92 -2.43
CA ALA B 59 -5.44 -7.20 -1.94
C ALA B 59 -5.06 -8.14 -3.08
N ILE B 60 -5.48 -7.80 -4.31
CA ILE B 60 -5.22 -8.60 -5.50
C ILE B 60 -3.93 -8.21 -6.27
N SER B 61 -3.32 -9.20 -6.90
CA SER B 61 -2.11 -8.98 -7.67
C SER B 61 -2.37 -9.14 -9.19
N THR B 62 -2.88 -10.30 -9.59
CA THR B 62 -3.15 -10.56 -11.01
C THR B 62 -4.29 -11.52 -11.25
N TYR B 63 -4.94 -11.36 -12.41
CA TYR B 63 -6.04 -12.20 -12.87
C TYR B 63 -5.47 -13.06 -13.98
N THR B 64 -5.79 -14.35 -13.98
CA THR B 64 -5.29 -15.23 -15.02
C THR B 64 -6.36 -16.22 -15.41
N VAL B 65 -6.37 -16.60 -16.69
CA VAL B 65 -7.33 -17.56 -17.20
C VAL B 65 -6.57 -18.71 -17.87
N ASN C 6 4.83 12.96 -18.47
CA ASN C 6 4.41 11.57 -18.12
C ASN C 6 5.27 10.53 -18.86
N ILE C 7 6.31 10.06 -18.17
CA ILE C 7 7.26 9.06 -18.69
C ILE C 7 6.73 7.63 -18.68
N GLN C 8 5.82 7.34 -17.76
CA GLN C 8 5.25 6.00 -17.65
C GLN C 8 4.56 5.53 -18.91
N ASP C 9 3.60 6.33 -19.39
CA ASP C 9 2.83 6.00 -20.59
C ASP C 9 3.71 5.95 -21.85
N LYS C 10 4.65 6.89 -21.97
CA LYS C 10 5.51 6.89 -23.13
C LYS C 10 6.33 5.61 -23.19
N ALA C 11 6.71 5.11 -22.03
CA ALA C 11 7.51 3.88 -21.95
C ALA C 11 6.68 2.63 -22.23
N LEU C 12 5.41 2.66 -21.84
CA LEU C 12 4.52 1.51 -22.04
C LEU C 12 4.04 1.38 -23.49
N GLU C 13 3.77 2.50 -24.16
CA GLU C 13 3.34 2.44 -25.56
C GLU C 13 4.52 1.87 -26.35
N ASN C 14 5.70 2.31 -25.96
CA ASN C 14 6.93 1.84 -26.59
C ASN C 14 7.09 0.33 -26.43
N PHE C 15 6.80 -0.19 -25.24
CA PHE C 15 6.91 -1.63 -24.99
C PHE C 15 5.81 -2.37 -25.75
N LYS C 16 4.65 -1.73 -25.84
CA LYS C 16 3.47 -2.27 -26.51
C LYS C 16 3.64 -2.26 -28.03
N ALA C 17 4.21 -1.18 -28.55
CA ALA C 17 4.44 -1.04 -29.99
C ALA C 17 5.60 -1.92 -30.44
N ASN C 18 6.79 -1.61 -29.94
CA ASN C 18 8.00 -2.36 -30.26
C ASN C 18 7.86 -3.84 -29.95
N GLN C 19 6.72 -4.22 -29.36
CA GLN C 19 6.44 -5.61 -28.99
C GLN C 19 7.67 -6.24 -28.33
N THR C 20 8.22 -5.52 -27.36
CA THR C 20 9.41 -5.96 -26.64
C THR C 20 9.13 -6.76 -25.36
N GLU C 21 9.89 -7.83 -25.17
CA GLU C 21 9.77 -8.71 -23.99
C GLU C 21 10.36 -8.09 -22.73
N VAL C 22 9.49 -7.68 -21.81
CA VAL C 22 9.95 -7.10 -20.56
C VAL C 22 9.82 -8.13 -19.46
N THR C 23 10.47 -7.86 -18.33
CA THR C 23 10.39 -8.73 -17.18
C THR C 23 9.71 -7.92 -16.11
N VAL C 24 8.61 -8.44 -15.59
CA VAL C 24 7.87 -7.75 -14.53
C VAL C 24 8.28 -8.31 -13.17
N PHE C 25 8.73 -7.42 -12.28
CA PHE C 25 9.11 -7.82 -10.93
C PHE C 25 8.01 -7.39 -9.99
N PHE C 26 7.52 -8.32 -9.19
CA PHE C 26 6.47 -8.01 -8.24
C PHE C 26 7.07 -7.64 -6.90
N LEU C 27 6.27 -7.03 -6.03
CA LEU C 27 6.76 -6.62 -4.73
C LEU C 27 7.23 -7.80 -3.88
N ASN C 28 6.54 -8.94 -4.00
CA ASN C 28 6.86 -10.16 -3.24
C ASN C 28 8.03 -10.96 -3.77
N GLY C 29 8.70 -10.42 -4.79
CA GLY C 29 9.87 -11.07 -5.36
C GLY C 29 9.65 -11.92 -6.60
N PHE C 30 8.38 -12.19 -6.87
CA PHE C 30 8.01 -12.98 -8.01
C PHE C 30 8.28 -12.26 -9.31
N GLN C 31 8.63 -13.02 -10.34
CA GLN C 31 8.79 -12.38 -11.64
C GLN C 31 8.19 -13.12 -12.77
N MET C 32 7.77 -12.32 -13.71
CA MET C 32 7.14 -12.81 -14.89
C MET C 32 7.74 -12.15 -16.12
N LYS C 33 8.04 -12.96 -17.13
CA LYS C 33 8.60 -12.44 -18.36
C LYS C 33 7.63 -12.68 -19.51
N GLY C 34 7.09 -11.60 -20.07
CA GLY C 34 6.15 -11.72 -21.18
C GLY C 34 6.20 -10.48 -22.04
N VAL C 35 5.11 -10.22 -22.76
CA VAL C 35 5.01 -9.05 -23.65
C VAL C 35 3.81 -8.23 -23.20
N ILE C 36 3.95 -6.91 -23.22
CA ILE C 36 2.89 -6.02 -22.79
C ILE C 36 1.80 -5.75 -23.82
N GLU C 37 0.76 -6.59 -23.82
CA GLU C 37 -0.38 -6.44 -24.73
C GLU C 37 -0.90 -5.01 -24.73
N GLU C 38 -1.77 -4.73 -23.77
CA GLU C 38 -2.33 -3.39 -23.63
C GLU C 38 -2.34 -3.01 -22.15
N TYR C 39 -2.75 -1.77 -21.86
CA TYR C 39 -2.75 -1.28 -20.49
C TYR C 39 -3.64 -0.06 -20.30
N ASP C 40 -3.81 0.34 -19.04
CA ASP C 40 -4.61 1.52 -18.70
C ASP C 40 -4.03 2.18 -17.44
N LYS C 41 -4.85 2.92 -16.72
CA LYS C 41 -4.40 3.59 -15.51
C LYS C 41 -4.02 2.66 -14.37
N TYR C 42 -4.96 1.78 -14.02
CA TYR C 42 -4.81 0.87 -12.91
C TYR C 42 -4.17 -0.49 -13.16
N VAL C 43 -4.25 -0.99 -14.39
CA VAL C 43 -3.70 -2.31 -14.67
C VAL C 43 -2.84 -2.44 -15.92
N VAL C 44 -2.35 -3.65 -16.14
CA VAL C 44 -1.52 -3.94 -17.30
C VAL C 44 -1.77 -5.38 -17.78
N SER C 45 -2.08 -5.54 -19.06
CA SER C 45 -2.33 -6.87 -19.62
C SER C 45 -1.05 -7.38 -20.20
N LEU C 46 -0.61 -8.54 -19.72
CA LEU C 46 0.65 -9.13 -20.17
C LEU C 46 0.45 -10.51 -20.78
N ASN C 47 1.10 -10.76 -21.92
CA ASN C 47 1.02 -12.06 -22.56
C ASN C 47 2.31 -12.79 -22.27
N SER C 48 2.35 -13.49 -21.14
CA SER C 48 3.55 -14.20 -20.77
C SER C 48 3.21 -15.67 -20.69
N GLN C 49 3.96 -16.50 -21.41
CA GLN C 49 3.71 -17.94 -21.42
C GLN C 49 2.27 -18.19 -21.88
N GLY C 50 1.99 -17.82 -23.13
CA GLY C 50 0.65 -18.03 -23.66
C GLY C 50 -0.44 -17.31 -22.89
N LYS C 51 -1.03 -17.99 -21.90
CA LYS C 51 -2.11 -17.41 -21.08
C LYS C 51 -1.86 -15.94 -20.77
N GLN C 52 -2.94 -15.17 -20.68
CA GLN C 52 -2.83 -13.74 -20.39
C GLN C 52 -3.00 -13.45 -18.91
N HIS C 53 -2.34 -12.39 -18.45
CA HIS C 53 -2.41 -11.98 -17.06
C HIS C 53 -2.77 -10.51 -16.93
N LEU C 54 -3.77 -10.21 -16.12
CA LEU C 54 -4.17 -8.83 -15.88
C LEU C 54 -3.53 -8.41 -14.53
N ILE C 55 -2.41 -7.68 -14.60
CA ILE C 55 -1.68 -7.25 -13.42
C ILE C 55 -1.99 -5.84 -12.91
N TYR C 56 -2.13 -5.70 -11.61
CA TYR C 56 -2.36 -4.39 -10.99
C TYR C 56 -0.99 -3.73 -10.81
N LYS C 57 -0.90 -2.43 -11.11
CA LYS C 57 0.37 -1.73 -10.97
C LYS C 57 0.84 -1.62 -9.52
N HIS C 58 -0.11 -1.75 -8.57
CA HIS C 58 0.24 -1.65 -7.17
C HIS C 58 1.04 -2.84 -6.71
N ALA C 59 0.94 -3.95 -7.44
CA ALA C 59 1.66 -5.17 -7.11
C ALA C 59 3.01 -5.17 -7.81
N ILE C 60 3.14 -4.32 -8.83
CA ILE C 60 4.39 -4.25 -9.58
C ILE C 60 5.44 -3.36 -8.93
N SER C 61 6.68 -3.81 -9.03
CA SER C 61 7.80 -3.07 -8.50
C SER C 61 8.55 -2.39 -9.66
N THR C 62 9.00 -3.20 -10.61
CA THR C 62 9.79 -2.73 -11.75
C THR C 62 9.58 -3.50 -13.08
N TYR C 63 9.87 -2.80 -14.18
CA TYR C 63 9.82 -3.36 -15.53
C TYR C 63 11.28 -3.39 -15.92
N THR C 64 11.79 -4.54 -16.32
CA THR C 64 13.18 -4.62 -16.69
C THR C 64 13.36 -5.15 -18.11
N VAL C 65 14.01 -4.33 -18.95
CA VAL C 65 14.27 -4.70 -20.33
C VAL C 65 15.77 -4.84 -20.53
N GLU C 66 16.18 -5.29 -21.71
CA GLU C 66 17.58 -5.47 -22.01
C GLU C 66 18.04 -4.52 -23.11
N GLU D 5 -24.49 0.40 -8.59
CA GLU D 5 -23.20 0.14 -9.18
C GLU D 5 -22.12 0.01 -8.11
N ASN D 6 -22.46 0.30 -6.86
CA ASN D 6 -21.53 0.22 -5.75
C ASN D 6 -21.89 -0.96 -4.86
N ILE D 7 -21.33 -2.11 -5.18
CA ILE D 7 -21.60 -3.34 -4.44
C ILE D 7 -20.87 -3.45 -3.10
N GLN D 8 -19.87 -2.60 -2.86
CA GLN D 8 -19.16 -2.66 -1.58
C GLN D 8 -20.09 -2.25 -0.44
N ASP D 9 -20.78 -1.15 -0.63
CA ASP D 9 -21.71 -0.63 0.36
C ASP D 9 -23.02 -1.40 0.34
N LYS D 10 -23.26 -2.12 -0.74
CA LYS D 10 -24.46 -2.92 -0.87
C LYS D 10 -24.23 -4.18 -0.05
N ALA D 11 -22.99 -4.63 -0.02
CA ALA D 11 -22.60 -5.82 0.73
C ALA D 11 -22.41 -5.51 2.20
N LEU D 12 -21.69 -4.44 2.50
CA LEU D 12 -21.46 -4.05 3.89
C LEU D 12 -22.79 -3.78 4.59
N GLU D 13 -23.82 -3.47 3.81
CA GLU D 13 -25.15 -3.17 4.34
C GLU D 13 -25.93 -4.40 4.81
N ASN D 14 -26.16 -5.34 3.89
CA ASN D 14 -26.90 -6.54 4.21
C ASN D 14 -26.30 -7.19 5.45
N PHE D 15 -24.98 -7.14 5.55
CA PHE D 15 -24.28 -7.71 6.69
C PHE D 15 -24.72 -7.05 7.98
N LYS D 16 -24.63 -5.73 8.00
CA LYS D 16 -24.98 -4.94 9.18
C LYS D 16 -26.34 -5.27 9.79
N ALA D 17 -27.39 -5.12 8.99
CA ALA D 17 -28.77 -5.37 9.44
C ALA D 17 -29.04 -6.79 9.93
N ASN D 18 -28.65 -7.77 9.13
CA ASN D 18 -28.88 -9.18 9.47
C ASN D 18 -27.90 -9.69 10.51
N GLN D 19 -27.01 -8.81 10.97
CA GLN D 19 -26.01 -9.17 11.97
C GLN D 19 -25.43 -10.55 11.66
N THR D 20 -25.27 -10.81 10.36
CA THR D 20 -24.74 -12.08 9.90
C THR D 20 -23.27 -12.27 10.29
N GLU D 21 -22.92 -13.50 10.64
CA GLU D 21 -21.56 -13.87 11.03
C GLU D 21 -20.57 -13.70 9.88
N VAL D 22 -19.79 -12.63 9.92
CA VAL D 22 -18.82 -12.37 8.87
C VAL D 22 -17.39 -12.67 9.30
N THR D 23 -16.63 -13.28 8.39
CA THR D 23 -15.24 -13.62 8.64
C THR D 23 -14.32 -12.69 7.85
N VAL D 24 -13.58 -11.85 8.57
CA VAL D 24 -12.67 -10.88 7.95
C VAL D 24 -11.26 -11.41 7.76
N PHE D 25 -10.72 -11.22 6.57
CA PHE D 25 -9.36 -11.66 6.27
C PHE D 25 -8.44 -10.47 6.11
N PHE D 26 -7.38 -10.45 6.91
CA PHE D 26 -6.40 -9.38 6.87
C PHE D 26 -5.35 -9.75 5.82
N LEU D 27 -4.62 -8.76 5.33
CA LEU D 27 -3.59 -9.01 4.35
C LEU D 27 -2.45 -9.77 5.01
N ASN D 28 -2.20 -9.49 6.29
CA ASN D 28 -1.11 -10.13 7.02
C ASN D 28 -1.35 -11.59 7.35
N GLY D 29 -2.48 -12.12 6.89
CA GLY D 29 -2.79 -13.51 7.16
C GLY D 29 -3.78 -13.72 8.29
N PHE D 30 -3.85 -12.77 9.22
CA PHE D 30 -4.76 -12.85 10.37
C PHE D 30 -6.23 -13.06 9.94
N GLN D 31 -7.04 -13.54 10.89
CA GLN D 31 -8.47 -13.79 10.70
C GLN D 31 -9.23 -13.27 11.91
N MET D 32 -10.47 -12.85 11.67
CA MET D 32 -11.30 -12.36 12.74
C MET D 32 -12.73 -12.63 12.33
N LYS D 33 -13.56 -13.02 13.30
CA LYS D 33 -14.96 -13.33 13.05
C LYS D 33 -15.83 -12.40 13.88
N GLY D 34 -17.01 -12.05 13.36
CA GLY D 34 -17.89 -11.16 14.10
C GLY D 34 -19.01 -10.55 13.28
N VAL D 35 -19.65 -9.52 13.85
CA VAL D 35 -20.76 -8.83 13.20
C VAL D 35 -20.42 -7.37 12.93
N ILE D 36 -20.68 -6.93 11.70
CA ILE D 36 -20.42 -5.55 11.31
C ILE D 36 -21.36 -4.60 12.04
N GLU D 37 -20.82 -3.84 13.00
CA GLU D 37 -21.60 -2.88 13.78
C GLU D 37 -21.83 -1.62 12.95
N GLU D 38 -20.75 -0.99 12.52
CA GLU D 38 -20.81 0.24 11.72
C GLU D 38 -19.73 0.25 10.63
N TYR D 39 -19.68 1.31 9.83
CA TYR D 39 -18.68 1.41 8.77
C TYR D 39 -18.77 2.75 8.02
N ASP D 40 -17.78 3.02 7.18
CA ASP D 40 -17.76 4.24 6.38
C ASP D 40 -16.76 4.11 5.23
N LYS D 41 -16.29 5.25 4.73
CA LYS D 41 -15.34 5.26 3.62
C LYS D 41 -14.02 4.54 3.94
N TYR D 42 -13.44 4.86 5.09
CA TYR D 42 -12.15 4.31 5.50
C TYR D 42 -12.08 3.15 6.49
N VAL D 43 -13.04 3.05 7.40
CA VAL D 43 -12.97 1.97 8.38
C VAL D 43 -14.24 1.14 8.49
N VAL D 44 -14.17 0.13 9.34
CA VAL D 44 -15.29 -0.78 9.61
C VAL D 44 -15.18 -1.15 11.08
N SER D 45 -16.31 -1.31 11.75
CA SER D 45 -16.32 -1.71 13.16
C SER D 45 -16.86 -3.11 13.25
N LEU D 46 -16.06 -4.01 13.78
CA LEU D 46 -16.49 -5.38 13.91
C LEU D 46 -16.47 -5.69 15.40
N ASN D 47 -17.55 -6.32 15.85
CA ASN D 47 -17.67 -6.70 17.24
C ASN D 47 -17.36 -8.18 17.25
N SER D 48 -16.39 -8.58 18.05
CA SER D 48 -16.01 -9.97 18.16
C SER D 48 -15.99 -10.31 19.64
N GLN D 49 -15.03 -11.13 20.06
CA GLN D 49 -14.93 -11.55 21.47
C GLN D 49 -15.26 -10.47 22.51
N GLY D 50 -16.54 -10.16 22.64
CA GLY D 50 -17.01 -9.16 23.57
C GLY D 50 -16.23 -7.87 23.51
N LYS D 51 -15.41 -7.75 22.47
CA LYS D 51 -14.56 -6.59 22.29
C LYS D 51 -14.93 -5.89 21.00
N GLN D 52 -14.62 -4.61 20.91
CA GLN D 52 -14.91 -3.81 19.72
C GLN D 52 -13.65 -3.68 18.88
N HIS D 53 -13.81 -3.65 17.55
CA HIS D 53 -12.67 -3.54 16.65
C HIS D 53 -12.87 -2.53 15.52
N LEU D 54 -12.08 -1.46 15.53
CA LEU D 54 -12.15 -0.47 14.46
C LEU D 54 -11.01 -0.85 13.50
N ILE D 55 -11.40 -1.40 12.34
CA ILE D 55 -10.49 -1.89 11.32
C ILE D 55 -10.40 -1.07 10.05
N TYR D 56 -9.19 -0.77 9.61
CA TYR D 56 -8.99 -0.04 8.36
C TYR D 56 -9.23 -0.98 7.18
N LYS D 57 -9.94 -0.48 6.17
CA LYS D 57 -10.24 -1.26 4.98
C LYS D 57 -8.95 -1.66 4.26
N HIS D 58 -7.92 -0.82 4.35
CA HIS D 58 -6.65 -1.07 3.69
C HIS D 58 -5.89 -2.26 4.26
N ALA D 59 -6.37 -2.77 5.40
CA ALA D 59 -5.74 -3.91 6.05
C ALA D 59 -6.53 -5.17 5.76
N ILE D 60 -7.70 -5.00 5.17
CA ILE D 60 -8.54 -6.14 4.88
C ILE D 60 -8.38 -6.64 3.46
N SER D 61 -8.36 -7.96 3.33
CA SER D 61 -8.24 -8.60 2.03
C SER D 61 -9.64 -8.99 1.53
N THR D 62 -10.32 -9.88 2.27
CA THR D 62 -11.65 -10.34 1.87
C THR D 62 -12.65 -10.55 3.01
N TYR D 63 -13.94 -10.56 2.65
CA TYR D 63 -15.04 -10.80 3.59
C TYR D 63 -15.69 -12.13 3.15
N THR D 64 -16.02 -12.98 4.11
CA THR D 64 -16.66 -14.25 3.77
C THR D 64 -17.68 -14.56 4.86
N VAL D 65 -18.76 -15.28 4.50
CA VAL D 65 -19.83 -15.56 5.44
C VAL D 65 -19.67 -16.95 6.06
N GLU D 66 -20.50 -17.21 7.10
CA GLU D 66 -20.50 -18.48 7.81
C GLU D 66 -19.24 -18.65 8.66
N ASN E 6 -19.61 8.88 9.32
CA ASN E 6 -18.16 8.79 9.66
C ASN E 6 -17.90 8.23 11.06
N ILE E 7 -17.30 7.05 11.12
CA ILE E 7 -17.02 6.40 12.40
C ILE E 7 -15.60 6.70 12.88
N GLN E 8 -14.68 6.94 11.94
CA GLN E 8 -13.30 7.19 12.27
C GLN E 8 -13.10 8.35 13.23
N ASP E 9 -13.48 9.54 12.80
CA ASP E 9 -13.30 10.72 13.64
C ASP E 9 -14.07 10.63 14.95
N LYS E 10 -15.24 10.00 14.92
CA LYS E 10 -16.05 9.85 16.11
C LYS E 10 -15.24 9.03 17.11
N ALA E 11 -14.84 7.84 16.70
CA ALA E 11 -14.04 6.94 17.55
C ALA E 11 -12.72 7.58 17.98
N LEU E 12 -12.00 8.17 17.03
CA LEU E 12 -10.72 8.80 17.36
C LEU E 12 -10.88 9.90 18.40
N GLU E 13 -11.91 10.72 18.23
CA GLU E 13 -12.17 11.81 19.16
C GLU E 13 -12.53 11.26 20.52
N ASN E 14 -13.33 10.20 20.55
CA ASN E 14 -13.74 9.58 21.80
C ASN E 14 -12.52 9.15 22.59
N PHE E 15 -11.70 8.26 22.04
CA PHE E 15 -10.50 7.77 22.72
C PHE E 15 -9.67 8.94 23.22
N LYS E 16 -9.58 9.98 22.40
CA LYS E 16 -8.82 11.19 22.73
C LYS E 16 -9.51 11.97 23.84
N ALA E 17 -10.84 11.93 23.86
CA ALA E 17 -11.63 12.63 24.87
C ALA E 17 -11.24 12.21 26.29
N ASN E 18 -11.55 10.99 26.65
CA ASN E 18 -11.23 10.49 27.99
C ASN E 18 -9.88 9.79 28.11
N GLN E 19 -9.00 10.04 27.14
CA GLN E 19 -7.70 9.39 27.18
C GLN E 19 -7.89 7.93 27.55
N THR E 20 -8.55 7.19 26.66
CA THR E 20 -8.82 5.76 26.86
C THR E 20 -7.54 4.94 26.69
N GLU E 21 -7.63 3.64 26.98
CA GLU E 21 -6.50 2.74 26.86
C GLU E 21 -6.69 1.98 25.55
N VAL E 22 -6.09 2.50 24.48
CA VAL E 22 -6.23 1.89 23.17
C VAL E 22 -5.10 0.93 22.82
N THR E 23 -5.46 -0.16 22.16
CA THR E 23 -4.46 -1.13 21.69
C THR E 23 -4.44 -1.03 20.19
N VAL E 24 -3.33 -0.54 19.65
CA VAL E 24 -3.15 -0.36 18.21
C VAL E 24 -2.44 -1.56 17.58
N PHE E 25 -3.04 -2.12 16.54
CA PHE E 25 -2.42 -3.24 15.84
C PHE E 25 -1.86 -2.73 14.53
N PHE E 26 -0.61 -3.08 14.23
CA PHE E 26 0.01 -2.67 12.98
C PHE E 26 -0.23 -3.76 11.94
N LEU E 27 0.03 -3.43 10.68
CA LEU E 27 -0.14 -4.38 9.59
C LEU E 27 0.73 -5.61 9.80
N ASN E 28 1.87 -5.44 10.45
CA ASN E 28 2.74 -6.57 10.71
C ASN E 28 2.36 -7.37 11.97
N GLY E 29 1.10 -7.25 12.41
CA GLY E 29 0.64 -7.97 13.58
C GLY E 29 1.10 -7.46 14.94
N PHE E 30 2.11 -6.61 14.97
CA PHE E 30 2.60 -6.10 16.24
C PHE E 30 1.57 -5.15 16.90
N GLN E 31 1.61 -5.07 18.23
CA GLN E 31 0.66 -4.21 18.93
C GLN E 31 1.30 -3.32 19.99
N MET E 32 0.72 -2.15 20.16
CA MET E 32 1.20 -1.17 21.12
C MET E 32 -0.03 -0.67 21.86
N LYS E 33 0.05 -0.64 23.18
CA LYS E 33 -1.06 -0.18 24.01
C LYS E 33 -0.74 1.23 24.51
N GLY E 34 -1.68 2.15 24.36
CA GLY E 34 -1.44 3.50 24.82
C GLY E 34 -2.68 4.38 24.75
N VAL E 35 -2.48 5.69 24.87
CA VAL E 35 -3.60 6.63 24.80
C VAL E 35 -3.41 7.59 23.62
N ILE E 36 -4.46 7.75 22.82
CA ILE E 36 -4.40 8.63 21.66
C ILE E 36 -4.41 10.07 22.09
N GLU E 37 -3.25 10.71 22.01
CA GLU E 37 -3.07 12.10 22.39
C GLU E 37 -3.78 12.99 21.39
N GLU E 38 -3.37 12.90 20.15
CA GLU E 38 -3.98 13.70 19.10
C GLU E 38 -4.00 12.96 17.76
N TYR E 39 -4.58 13.57 16.74
CA TYR E 39 -4.67 12.93 15.44
C TYR E 39 -5.10 13.91 14.35
N ASP E 40 -5.01 13.48 13.10
CA ASP E 40 -5.44 14.29 11.96
C ASP E 40 -5.85 13.36 10.82
N LYS E 41 -5.90 13.86 9.60
CA LYS E 41 -6.31 13.05 8.47
C LYS E 41 -5.39 11.87 8.19
N TYR E 42 -4.10 12.04 8.41
CA TYR E 42 -3.14 10.98 8.13
C TYR E 42 -2.49 10.28 9.32
N VAL E 43 -2.02 11.05 10.28
CA VAL E 43 -1.35 10.46 11.42
C VAL E 43 -2.15 10.43 12.72
N VAL E 44 -1.54 9.80 13.72
CA VAL E 44 -2.12 9.63 15.05
C VAL E 44 -0.94 9.63 16.03
N SER E 45 -1.02 10.47 17.06
CA SER E 45 0.03 10.54 18.06
C SER E 45 -0.35 9.66 19.25
N LEU E 46 0.44 8.62 19.49
CA LEU E 46 0.13 7.70 20.57
C LEU E 46 1.19 7.65 21.64
N ASN E 47 0.80 7.95 22.88
CA ASN E 47 1.72 7.87 23.99
C ASN E 47 1.56 6.47 24.55
N SER E 48 2.69 5.76 24.66
CA SER E 48 2.71 4.39 25.14
C SER E 48 4.07 4.08 25.73
N GLN E 49 4.08 3.48 26.93
CA GLN E 49 5.32 3.14 27.61
C GLN E 49 6.22 4.36 27.83
N GLY E 50 5.62 5.50 28.16
CA GLY E 50 6.41 6.69 28.40
C GLY E 50 6.83 7.44 27.14
N LYS E 51 7.10 6.72 26.04
CA LYS E 51 7.51 7.38 24.79
C LYS E 51 6.29 7.88 24.02
N GLN E 52 6.53 8.72 23.02
CA GLN E 52 5.46 9.22 22.19
C GLN E 52 5.79 8.78 20.78
N HIS E 53 4.79 8.21 20.10
CA HIS E 53 4.97 7.71 18.75
C HIS E 53 4.00 8.38 17.80
N LEU E 54 4.50 8.94 16.72
CA LEU E 54 3.65 9.55 15.70
C LEU E 54 3.52 8.46 14.65
N ILE E 55 2.33 7.86 14.58
CA ILE E 55 2.03 6.76 13.65
C ILE E 55 1.14 7.12 12.48
N TYR E 56 1.54 6.70 11.28
CA TYR E 56 0.75 6.92 10.07
C TYR E 56 -0.39 5.93 9.99
N LYS E 57 -1.57 6.41 9.63
CA LYS E 57 -2.74 5.54 9.50
C LYS E 57 -2.53 4.43 8.46
N HIS E 58 -1.70 4.68 7.45
CA HIS E 58 -1.47 3.65 6.45
C HIS E 58 -0.77 2.45 7.06
N ALA E 59 -0.12 2.67 8.21
CA ALA E 59 0.62 1.61 8.89
C ALA E 59 -0.16 0.88 10.00
N ILE E 60 -1.37 1.34 10.30
CA ILE E 60 -2.18 0.73 11.35
C ILE E 60 -3.20 -0.23 10.78
N SER E 61 -3.59 -1.22 11.57
CA SER E 61 -4.55 -2.20 11.13
C SER E 61 -5.89 -2.12 11.88
N THR E 62 -5.81 -2.21 13.20
CA THR E 62 -7.00 -2.21 14.02
C THR E 62 -6.78 -1.49 15.34
N TYR E 63 -7.87 -0.93 15.87
CA TYR E 63 -7.85 -0.26 17.16
C TYR E 63 -8.72 -1.15 18.02
N THR E 64 -8.36 -1.33 19.29
CA THR E 64 -9.15 -2.15 20.19
C THR E 64 -9.32 -1.47 21.54
N VAL E 65 -10.43 -1.76 22.21
CA VAL E 65 -10.73 -1.15 23.51
C VAL E 65 -10.63 -2.15 24.67
N ASN F 6 -3.69 19.85 11.79
CA ASN F 6 -2.54 19.24 11.07
C ASN F 6 -1.35 18.95 12.00
N ILE F 7 -1.39 17.81 12.70
CA ILE F 7 -0.33 17.43 13.63
C ILE F 7 1.01 17.06 12.99
N GLN F 8 0.93 16.59 11.75
CA GLN F 8 2.13 16.16 11.04
C GLN F 8 3.14 17.27 10.77
N ASP F 9 2.70 18.31 10.06
CA ASP F 9 3.62 19.41 9.76
C ASP F 9 4.18 20.06 11.02
N LYS F 10 3.35 20.15 12.06
CA LYS F 10 3.78 20.72 13.32
C LYS F 10 4.86 19.85 13.98
N ALA F 11 4.69 18.53 13.88
CA ALA F 11 5.66 17.59 14.44
C ALA F 11 6.96 17.60 13.66
N LEU F 12 6.86 17.50 12.33
CA LEU F 12 8.06 17.52 11.52
C LEU F 12 8.78 18.85 11.72
N GLU F 13 8.02 19.93 11.63
CA GLU F 13 8.56 21.28 11.82
C GLU F 13 9.29 21.35 13.15
N ASN F 14 8.62 20.86 14.18
CA ASN F 14 9.19 20.84 15.52
C ASN F 14 10.53 20.10 15.58
N PHE F 15 10.59 18.88 15.02
CA PHE F 15 11.82 18.09 15.00
C PHE F 15 12.92 18.84 14.25
N LYS F 16 12.60 19.25 13.03
CA LYS F 16 13.53 19.99 12.19
C LYS F 16 14.16 21.13 12.98
N ALA F 17 13.31 21.86 13.71
CA ALA F 17 13.73 22.99 14.53
C ALA F 17 14.66 22.58 15.68
N ASN F 18 14.10 21.89 16.67
CA ASN F 18 14.88 21.47 17.83
C ASN F 18 16.01 20.52 17.46
N GLN F 19 16.14 20.18 16.17
CA GLN F 19 17.19 19.25 15.73
C GLN F 19 17.13 17.95 16.55
N THR F 20 15.89 17.48 16.77
CA THR F 20 15.63 16.27 17.52
C THR F 20 16.08 14.99 16.80
N GLU F 21 16.70 14.09 17.56
CA GLU F 21 17.18 12.80 17.05
C GLU F 21 15.96 11.89 17.06
N VAL F 22 15.41 11.63 15.88
CA VAL F 22 14.22 10.78 15.76
C VAL F 22 14.53 9.41 15.21
N THR F 23 13.77 8.42 15.66
CA THR F 23 13.94 7.08 15.16
C THR F 23 12.79 6.86 14.19
N VAL F 24 13.13 6.55 12.94
CA VAL F 24 12.12 6.30 11.91
C VAL F 24 11.96 4.79 11.69
N PHE F 25 10.78 4.28 12.00
CA PHE F 25 10.48 2.87 11.79
C PHE F 25 9.75 2.72 10.45
N PHE F 26 10.23 1.81 9.61
CA PHE F 26 9.60 1.58 8.31
C PHE F 26 8.61 0.42 8.40
N LEU F 27 7.79 0.29 7.37
CA LEU F 27 6.81 -0.79 7.29
C LEU F 27 7.45 -2.17 7.20
N ASN F 28 8.57 -2.27 6.50
CA ASN F 28 9.27 -3.55 6.35
C ASN F 28 10.14 -3.97 7.54
N GLY F 29 10.11 -3.19 8.63
CA GLY F 29 10.91 -3.53 9.79
C GLY F 29 12.29 -2.87 9.83
N PHE F 30 12.61 -2.10 8.82
CA PHE F 30 13.88 -1.40 8.79
C PHE F 30 13.77 -0.11 9.63
N GLN F 31 14.91 0.46 9.98
CA GLN F 31 14.90 1.69 10.74
C GLN F 31 16.22 2.46 10.71
N MET F 32 16.09 3.78 10.90
CA MET F 32 17.22 4.71 10.89
C MET F 32 17.02 5.72 11.98
N LYS F 33 18.11 6.10 12.62
CA LYS F 33 18.10 7.11 13.68
C LYS F 33 18.76 8.34 13.06
N GLY F 34 18.06 9.47 13.07
CA GLY F 34 18.66 10.64 12.49
C GLY F 34 17.93 11.93 12.76
N VAL F 35 18.32 12.96 12.00
CA VAL F 35 17.71 14.27 12.15
C VAL F 35 16.95 14.69 10.90
N ILE F 36 15.74 15.18 11.11
CA ILE F 36 14.90 15.65 10.05
C ILE F 36 15.39 17.02 9.60
N GLU F 37 15.83 17.12 8.35
CA GLU F 37 16.33 18.36 7.82
C GLU F 37 15.32 19.07 6.94
N GLU F 38 14.70 18.34 6.04
CA GLU F 38 13.70 18.91 5.16
C GLU F 38 12.54 17.96 4.98
N TYR F 39 11.50 18.43 4.29
CA TYR F 39 10.33 17.62 4.06
C TYR F 39 9.23 18.36 3.35
N ASP F 40 8.52 17.65 2.47
CA ASP F 40 7.40 18.21 1.77
C ASP F 40 6.21 17.28 2.01
N LYS F 41 5.22 17.34 1.12
CA LYS F 41 4.03 16.51 1.24
C LYS F 41 4.27 14.99 1.09
N TYR F 42 5.27 14.60 0.31
CA TYR F 42 5.54 13.19 0.08
C TYR F 42 6.81 12.62 0.75
N VAL F 43 7.92 13.32 0.65
CA VAL F 43 9.15 12.83 1.23
C VAL F 43 9.52 13.47 2.55
N VAL F 44 10.67 13.05 3.08
CA VAL F 44 11.23 13.55 4.32
C VAL F 44 12.73 13.33 4.16
N SER F 45 13.51 14.38 4.35
CA SER F 45 14.96 14.26 4.23
C SER F 45 15.51 14.01 5.62
N LEU F 46 16.25 12.93 5.77
CA LEU F 46 16.80 12.59 7.08
C LEU F 46 18.31 12.48 7.09
N ASN F 47 18.95 13.27 7.93
CA ASN F 47 20.39 13.19 8.01
C ASN F 47 20.72 12.16 9.07
N SER F 48 21.37 11.09 8.67
CA SER F 48 21.73 10.03 9.59
C SER F 48 23.18 9.65 9.39
N GLN F 49 23.91 9.53 10.51
CA GLN F 49 25.32 9.18 10.48
C GLN F 49 26.07 10.06 9.47
N GLY F 50 25.56 11.28 9.27
CA GLY F 50 26.19 12.21 8.35
C GLY F 50 25.77 12.13 6.89
N LYS F 51 25.19 11.00 6.50
CA LYS F 51 24.74 10.82 5.11
C LYS F 51 23.29 11.25 4.96
N GLN F 52 22.97 11.81 3.81
CA GLN F 52 21.61 12.28 3.55
C GLN F 52 20.75 11.17 2.95
N HIS F 53 19.61 10.92 3.57
CA HIS F 53 18.68 9.89 3.12
C HIS F 53 17.32 10.52 2.76
N LEU F 54 16.85 10.30 1.54
CA LEU F 54 15.56 10.85 1.12
C LEU F 54 14.52 9.73 1.32
N ILE F 55 13.54 9.95 2.19
CA ILE F 55 12.55 8.92 2.50
C ILE F 55 11.11 9.19 2.11
N TYR F 56 10.49 8.25 1.39
CA TYR F 56 9.08 8.38 1.03
C TYR F 56 8.24 8.12 2.28
N LYS F 57 7.24 8.96 2.54
CA LYS F 57 6.41 8.77 3.71
C LYS F 57 5.58 7.50 3.59
N HIS F 58 5.31 7.06 2.36
CA HIS F 58 4.52 5.85 2.19
C HIS F 58 5.22 4.59 2.72
N ALA F 59 6.49 4.75 3.07
CA ALA F 59 7.31 3.66 3.58
C ALA F 59 7.49 3.76 5.09
N ILE F 60 7.38 4.97 5.62
CA ILE F 60 7.57 5.19 7.03
C ILE F 60 6.37 4.64 7.79
N SER F 61 6.62 4.26 9.03
CA SER F 61 5.57 3.71 9.87
C SER F 61 5.34 4.55 11.12
N THR F 62 6.40 4.70 11.91
CA THR F 62 6.33 5.41 13.16
C THR F 62 7.53 6.33 13.35
N TYR F 63 7.30 7.49 13.95
CA TYR F 63 8.37 8.43 14.28
C TYR F 63 8.43 8.36 15.79
N THR F 64 9.60 8.08 16.35
CA THR F 64 9.74 8.00 17.80
C THR F 64 10.88 8.86 18.29
N VAL F 65 10.66 9.51 19.43
CA VAL F 65 11.65 10.39 20.04
C VAL F 65 12.48 9.67 21.10
N GLU F 66 12.99 10.44 22.07
CA GLU F 66 13.79 9.89 23.16
C GLU F 66 13.41 10.54 24.50
N ASN G 6 9.37 21.82 -3.60
CA ASN G 6 9.39 20.33 -3.68
C ASN G 6 10.77 19.79 -3.31
N ILE G 7 10.88 19.18 -2.13
CA ILE G 7 12.15 18.60 -1.69
C ILE G 7 12.48 17.45 -2.63
N GLN G 8 11.48 16.64 -2.98
CA GLN G 8 11.70 15.50 -3.84
C GLN G 8 12.20 15.87 -5.22
N ASP G 9 11.39 16.56 -5.99
CA ASP G 9 11.74 16.96 -7.34
C ASP G 9 13.08 17.69 -7.47
N LYS G 10 13.41 18.56 -6.52
CA LYS G 10 14.69 19.27 -6.62
C LYS G 10 15.83 18.31 -6.34
N ALA G 11 15.53 17.21 -5.67
CA ALA G 11 16.53 16.18 -5.34
C ALA G 11 16.65 15.25 -6.54
N LEU G 12 15.51 14.92 -7.14
CA LEU G 12 15.46 14.04 -8.29
C LEU G 12 16.10 14.69 -9.51
N GLU G 13 16.03 16.02 -9.59
CA GLU G 13 16.63 16.75 -10.69
C GLU G 13 18.14 16.80 -10.48
N ASN G 14 18.55 16.94 -9.23
CA ASN G 14 19.96 16.99 -8.89
C ASN G 14 20.65 15.71 -9.37
N PHE G 15 20.13 14.56 -8.96
CA PHE G 15 20.74 13.29 -9.37
C PHE G 15 20.73 13.18 -10.89
N LYS G 16 19.58 13.53 -11.48
CA LYS G 16 19.40 13.46 -12.92
C LYS G 16 20.42 14.29 -13.69
N ALA G 17 20.58 15.55 -13.29
CA ALA G 17 21.51 16.48 -13.93
C ALA G 17 22.97 16.08 -13.83
N ASN G 18 23.38 15.54 -12.69
CA ASN G 18 24.78 15.16 -12.49
C ASN G 18 25.14 13.71 -12.79
N GLN G 19 24.19 12.94 -13.30
CA GLN G 19 24.45 11.53 -13.62
C GLN G 19 24.91 10.81 -12.35
N THR G 20 24.47 11.30 -11.20
CA THR G 20 24.83 10.76 -9.89
C THR G 20 24.48 9.28 -9.69
N GLU G 21 25.35 8.55 -9.00
CA GLU G 21 25.15 7.13 -8.69
C GLU G 21 24.37 6.99 -7.38
N VAL G 22 23.06 6.80 -7.48
CA VAL G 22 22.24 6.66 -6.27
C VAL G 22 21.92 5.22 -5.95
N THR G 23 21.69 4.93 -4.67
CA THR G 23 21.29 3.58 -4.28
C THR G 23 19.81 3.68 -4.01
N VAL G 24 19.01 2.81 -4.61
CA VAL G 24 17.59 2.84 -4.38
C VAL G 24 17.22 1.63 -3.51
N PHE G 25 16.54 1.87 -2.40
CA PHE G 25 16.09 0.78 -1.51
C PHE G 25 14.58 0.57 -1.68
N PHE G 26 14.19 -0.66 -1.98
CA PHE G 26 12.78 -0.99 -2.15
C PHE G 26 12.12 -1.36 -0.83
N LEU G 27 10.78 -1.43 -0.81
CA LEU G 27 10.05 -1.79 0.42
C LEU G 27 10.28 -3.24 0.83
N ASN G 28 10.83 -4.04 -0.09
CA ASN G 28 11.10 -5.45 0.18
C ASN G 28 12.57 -5.69 0.59
N GLY G 29 13.28 -4.61 0.93
CA GLY G 29 14.67 -4.74 1.36
C GLY G 29 15.73 -4.69 0.26
N PHE G 30 15.35 -5.12 -0.93
CA PHE G 30 16.25 -5.13 -2.07
C PHE G 30 16.76 -3.72 -2.39
N GLN G 31 17.97 -3.62 -2.93
CA GLN G 31 18.55 -2.34 -3.32
C GLN G 31 19.15 -2.39 -4.73
N MET G 32 19.17 -1.23 -5.39
CA MET G 32 19.68 -1.10 -6.74
C MET G 32 20.53 0.16 -6.83
N LYS G 33 21.56 0.15 -7.67
CA LYS G 33 22.40 1.33 -7.83
C LYS G 33 22.38 1.67 -9.31
N GLY G 34 22.22 2.96 -9.63
CA GLY G 34 22.18 3.36 -11.01
C GLY G 34 21.99 4.85 -11.14
N VAL G 35 21.96 5.35 -12.37
CA VAL G 35 21.79 6.77 -12.63
C VAL G 35 20.33 7.06 -12.92
N ILE G 36 19.87 8.24 -12.53
CA ILE G 36 18.48 8.64 -12.77
C ILE G 36 18.41 9.24 -14.18
N GLU G 37 17.90 8.47 -15.11
CA GLU G 37 17.74 8.90 -16.50
C GLU G 37 16.54 9.83 -16.64
N GLU G 38 15.41 9.45 -16.07
CA GLU G 38 14.18 10.24 -16.14
C GLU G 38 13.29 9.97 -14.94
N TYR G 39 12.23 10.76 -14.82
CA TYR G 39 11.30 10.58 -13.71
C TYR G 39 10.03 11.40 -13.92
N ASP G 40 9.01 11.09 -13.14
CA ASP G 40 7.77 11.84 -13.19
C ASP G 40 7.06 11.75 -11.85
N LYS G 41 5.74 11.77 -11.87
CA LYS G 41 4.95 11.72 -10.65
C LYS G 41 4.73 10.31 -10.09
N TYR G 42 4.86 9.30 -10.93
CA TYR G 42 4.63 7.91 -10.51
C TYR G 42 5.81 6.95 -10.64
N VAL G 43 6.71 7.21 -11.58
CA VAL G 43 7.82 6.31 -11.80
C VAL G 43 9.16 7.02 -11.88
N VAL G 44 10.22 6.23 -12.03
CA VAL G 44 11.59 6.71 -12.13
C VAL G 44 12.32 5.73 -13.06
N SER G 45 13.03 6.23 -14.05
CA SER G 45 13.77 5.36 -14.96
C SER G 45 15.21 5.32 -14.46
N LEU G 46 15.71 4.14 -14.17
CA LEU G 46 17.07 4.03 -13.65
C LEU G 46 17.97 3.19 -14.52
N ASN G 47 19.00 3.82 -15.09
CA ASN G 47 19.95 3.12 -15.93
C ASN G 47 20.91 2.45 -14.95
N SER G 48 21.08 1.15 -15.09
CA SER G 48 21.96 0.41 -14.20
C SER G 48 22.42 -0.89 -14.82
N GLN G 49 23.72 -0.99 -15.07
CA GLN G 49 24.30 -2.19 -15.68
C GLN G 49 23.80 -2.37 -17.10
N GLY G 50 23.76 -1.27 -17.85
CA GLY G 50 23.30 -1.33 -19.23
C GLY G 50 21.79 -1.41 -19.40
N LYS G 51 21.14 -2.26 -18.61
CA LYS G 51 19.70 -2.41 -18.71
C LYS G 51 18.94 -1.26 -18.05
N GLN G 52 17.75 -1.00 -18.57
CA GLN G 52 16.90 0.08 -18.08
C GLN G 52 15.83 -0.50 -17.16
N HIS G 53 15.64 0.17 -16.03
CA HIS G 53 14.65 -0.26 -15.05
C HIS G 53 13.64 0.83 -14.81
N LEU G 54 12.39 0.56 -15.16
CA LEU G 54 11.31 1.52 -14.94
C LEU G 54 10.77 1.13 -13.56
N ILE G 55 11.03 1.97 -12.58
CA ILE G 55 10.64 1.70 -11.20
C ILE G 55 9.49 2.55 -10.67
N TYR G 56 8.52 1.89 -10.04
CA TYR G 56 7.37 2.55 -9.44
C TYR G 56 7.74 3.14 -8.07
N LYS G 57 7.41 4.41 -7.85
CA LYS G 57 7.70 5.04 -6.57
C LYS G 57 7.06 4.31 -5.38
N HIS G 58 5.86 3.77 -5.55
CA HIS G 58 5.22 3.08 -4.43
C HIS G 58 6.04 1.90 -3.92
N ALA G 59 7.03 1.47 -4.71
CA ALA G 59 7.90 0.34 -4.34
C ALA G 59 9.25 0.77 -3.78
N ILE G 60 9.48 2.08 -3.70
CA ILE G 60 10.72 2.61 -3.19
C ILE G 60 10.50 3.18 -1.79
N SER G 61 11.54 3.12 -0.96
CA SER G 61 11.43 3.66 0.38
C SER G 61 12.46 4.76 0.65
N THR G 62 13.65 4.64 0.09
CA THR G 62 14.70 5.63 0.30
C THR G 62 15.69 5.74 -0.85
N TYR G 63 16.32 6.92 -0.96
CA TYR G 63 17.36 7.20 -1.94
C TYR G 63 18.55 7.68 -1.09
N THR G 64 19.76 7.30 -1.49
CA THR G 64 21.00 7.70 -0.81
C THR G 64 22.16 7.50 -1.80
N VAL G 65 23.31 8.06 -1.48
CA VAL G 65 24.51 7.92 -2.29
C VAL G 65 25.65 7.28 -1.49
N GLU G 66 26.49 6.48 -2.14
CA GLU G 66 27.61 5.78 -1.49
C GLU G 66 28.61 6.68 -0.78
#